data_7RC5
#
_entry.id   7RC5
#
_cell.length_a   77.518
_cell.length_b   77.518
_cell.length_c   151.794
_cell.angle_alpha   90.000
_cell.angle_beta   90.000
_cell.angle_gamma   120.000
#
_symmetry.space_group_name_H-M   'P 32 2 1'
#
loop_
_entity.id
_entity.type
_entity.pdbx_description
1 polymer 'Methyltransferase family protein'
2 non-polymer S-ADENOSYL-L-HOMOCYSTEINE
3 non-polymer 'CALCIUM ION'
4 non-polymer 'TRIETHYLENE GLYCOL'
5 water water
#
_entity_poly.entity_id   1
_entity_poly.type   'polypeptide(L)'
_entity_poly.pdbx_seq_one_letter_code
;MTPPLATTIDRLRDYLDRVGFQQIYKYIVAVNHYAVTPALITRNTAASVHHFFDSRLGGRAEFALLQCLMTGRPAEHAAL
PDKDRALADALVTAGLLRASPDGREVSGADRQLISAFGVDLLIDRRIHFGGEVHEVYIGPDSYWMLYYINASGIARTHRA
VDLCTGSGIAALYLSLFTDHVLATDIGDVPLALVEINRRLNRRDAGTMEIRRENLNDTLDGRERFDLLTCAPPFVAFPPG
YSGTLYSQGTGVDGLGYMRDIVGRLPEVLNPGGSAYLVADLCGDAHGPHFLGELESMVTGHGMRIEAFIDHVLPASAQVG
PISDFLRHAAGLPADTDIAADVQAFQRETLRADYYYLTTIRLQTAAQNPGLRMLRRDPLPGAGT
;
_entity_poly.pdbx_strand_id   A
#
loop_
_chem_comp.id
_chem_comp.type
_chem_comp.name
_chem_comp.formula
CA non-polymer 'CALCIUM ION' 'Ca 2'
PGE non-polymer 'TRIETHYLENE GLYCOL' 'C6 H14 O4'
#
# COMPACT_ATOMS: atom_id res chain seq x y z
N THR A 2 6.13 -17.41 13.73
CA THR A 2 6.18 -18.64 14.53
C THR A 2 5.79 -19.83 13.65
N PRO A 3 6.21 -21.03 14.03
CA PRO A 3 5.94 -22.22 13.21
C PRO A 3 4.46 -22.50 13.04
N PRO A 4 3.63 -22.45 14.11
CA PRO A 4 2.19 -22.66 13.89
C PRO A 4 1.54 -21.63 12.98
N LEU A 5 1.88 -20.36 13.13
CA LEU A 5 1.36 -19.36 12.20
C LEU A 5 1.85 -19.63 10.79
N ALA A 6 3.12 -20.02 10.65
CA ALA A 6 3.66 -20.24 9.31
C ALA A 6 2.92 -21.37 8.59
N THR A 7 2.64 -22.46 9.31
CA THR A 7 1.85 -23.57 8.78
C THR A 7 0.43 -23.15 8.46
N THR A 8 -0.17 -22.33 9.33
CA THR A 8 -1.50 -21.80 9.05
C THR A 8 -1.53 -21.01 7.75
N ILE A 9 -0.52 -20.16 7.53
CA ILE A 9 -0.46 -19.38 6.28
C ILE A 9 -0.21 -20.30 5.08
N ASP A 10 0.65 -21.31 5.24
CA ASP A 10 0.85 -22.28 4.16
C ASP A 10 -0.47 -22.92 3.74
N ARG A 11 -1.25 -23.35 4.72
CA ARG A 11 -2.53 -23.98 4.43
C ARG A 11 -3.53 -22.99 3.87
N LEU A 12 -3.44 -21.72 4.27
CA LEU A 12 -4.33 -20.72 3.70
C LEU A 12 -4.02 -20.52 2.22
N ARG A 13 -2.74 -20.46 1.86
CA ARG A 13 -2.41 -20.33 0.44
C ARG A 13 -2.81 -21.57 -0.34
N ASP A 14 -2.69 -22.76 0.28
N ASP A 14 -2.69 -22.76 0.28
CA ASP A 14 -3.22 -23.96 -0.35
CA ASP A 14 -3.22 -23.96 -0.34
C ASP A 14 -4.71 -23.81 -0.64
C ASP A 14 -4.71 -23.82 -0.63
N TYR A 15 -5.48 -23.28 0.32
CA TYR A 15 -6.91 -23.09 0.11
C TYR A 15 -7.18 -22.10 -1.00
N LEU A 16 -6.50 -20.96 -0.96
CA LEU A 16 -6.68 -19.97 -2.03
C LEU A 16 -6.36 -20.56 -3.40
N ASP A 17 -5.31 -21.37 -3.50
CA ASP A 17 -4.99 -22.00 -4.77
C ASP A 17 -6.07 -23.01 -5.18
N ARG A 18 -6.56 -23.82 -4.23
CA ARG A 18 -7.58 -24.85 -4.49
C ARG A 18 -8.83 -24.28 -5.12
N VAL A 19 -9.30 -23.13 -4.62
CA VAL A 19 -10.57 -22.57 -5.06
C VAL A 19 -10.38 -21.42 -6.03
N GLY A 20 -9.15 -21.20 -6.50
CA GLY A 20 -8.89 -20.16 -7.49
C GLY A 20 -9.25 -18.76 -7.05
N PHE A 21 -8.92 -18.41 -5.80
CA PHE A 21 -9.27 -17.08 -5.27
C PHE A 21 -8.82 -15.96 -6.20
N GLN A 22 -7.55 -15.96 -6.57
CA GLN A 22 -7.02 -14.81 -7.30
C GLN A 22 -7.79 -14.56 -8.59
N GLN A 23 -8.15 -15.63 -9.31
CA GLN A 23 -8.96 -15.49 -10.52
C GLN A 23 -10.35 -14.95 -10.21
N ILE A 24 -10.97 -15.41 -9.12
CA ILE A 24 -12.31 -14.93 -8.81
C ILE A 24 -12.28 -13.45 -8.46
N TYR A 25 -11.31 -13.04 -7.65
CA TYR A 25 -11.18 -11.64 -7.31
C TYR A 25 -10.99 -10.81 -8.57
N LYS A 26 -10.11 -11.27 -9.48
CA LYS A 26 -9.87 -10.55 -10.72
C LYS A 26 -11.12 -10.48 -11.58
N TYR A 27 -11.92 -11.54 -11.59
CA TYR A 27 -13.16 -11.52 -12.35
C TYR A 27 -14.13 -10.50 -11.80
N ILE A 28 -14.28 -10.47 -10.47
CA ILE A 28 -15.24 -9.58 -9.81
C ILE A 28 -14.88 -8.12 -10.07
N VAL A 29 -13.62 -7.75 -9.91
CA VAL A 29 -13.28 -6.34 -10.07
C VAL A 29 -13.07 -5.97 -11.54
N ALA A 30 -12.76 -6.95 -12.41
CA ALA A 30 -12.59 -6.78 -13.86
C ALA A 30 -11.31 -6.04 -14.20
N VAL A 31 -10.79 -6.26 -15.41
CA VAL A 31 -9.45 -5.79 -15.78
C VAL A 31 -9.36 -4.27 -15.88
N ASN A 32 -10.48 -3.58 -16.09
CA ASN A 32 -10.45 -2.11 -16.10
C ASN A 32 -10.48 -1.48 -14.71
N HIS A 33 -10.57 -2.29 -13.64
CA HIS A 33 -10.47 -1.77 -12.27
C HIS A 33 -9.36 -2.41 -11.44
N TYR A 34 -8.83 -3.58 -11.84
CA TYR A 34 -7.97 -4.39 -10.97
C TYR A 34 -6.73 -3.62 -10.51
N ALA A 35 -6.21 -2.73 -11.35
CA ALA A 35 -5.01 -1.98 -10.99
C ALA A 35 -5.31 -0.50 -10.76
N VAL A 36 -6.59 -0.13 -10.65
CA VAL A 36 -6.93 1.28 -10.42
C VAL A 36 -6.84 1.61 -8.93
N THR A 37 -7.42 0.76 -8.07
CA THR A 37 -7.51 1.05 -6.64
C THR A 37 -7.76 -0.23 -5.85
N PRO A 38 -7.21 -0.37 -4.63
CA PRO A 38 -7.61 -1.50 -3.76
C PRO A 38 -9.01 -1.33 -3.17
N ALA A 39 -9.60 -0.15 -3.27
CA ALA A 39 -10.92 0.12 -2.68
C ALA A 39 -12.03 -0.27 -3.66
N LEU A 40 -12.03 -1.54 -4.06
CA LEU A 40 -13.04 -2.10 -4.95
C LEU A 40 -14.08 -2.93 -4.23
N ILE A 41 -13.63 -3.88 -3.41
CA ILE A 41 -14.52 -4.58 -2.49
C ILE A 41 -14.48 -3.79 -1.18
N THR A 42 -15.59 -3.13 -0.87
CA THR A 42 -15.70 -2.24 0.27
C THR A 42 -17.08 -2.45 0.89
N ARG A 43 -17.33 -1.78 2.02
CA ARG A 43 -18.64 -1.88 2.63
C ARG A 43 -19.75 -1.52 1.63
N ASN A 44 -19.45 -0.65 0.67
CA ASN A 44 -20.46 -0.20 -0.28
C ASN A 44 -20.69 -1.18 -1.42
N THR A 45 -19.79 -2.14 -1.63
CA THR A 45 -19.98 -3.12 -2.69
C THR A 45 -20.12 -4.54 -2.19
N ALA A 46 -20.02 -4.78 -0.86
CA ALA A 46 -20.00 -6.15 -0.35
C ALA A 46 -21.31 -6.88 -0.62
N ALA A 47 -22.44 -6.18 -0.55
CA ALA A 47 -23.72 -6.83 -0.87
C ALA A 47 -23.72 -7.35 -2.30
N SER A 48 -23.14 -6.58 -3.23
CA SER A 48 -23.00 -7.03 -4.61
C SER A 48 -22.10 -8.26 -4.71
N VAL A 49 -20.99 -8.26 -3.97
CA VAL A 49 -20.10 -9.42 -3.96
C VAL A 49 -20.84 -10.65 -3.46
N HIS A 50 -21.58 -10.51 -2.35
CA HIS A 50 -22.31 -11.63 -1.78
C HIS A 50 -23.35 -12.16 -2.77
N HIS A 51 -24.03 -11.25 -3.48
CA HIS A 51 -25.01 -11.67 -4.48
C HIS A 51 -24.35 -12.45 -5.62
N PHE A 52 -23.17 -12.01 -6.04
CA PHE A 52 -22.44 -12.72 -7.08
C PHE A 52 -22.12 -14.15 -6.64
N PHE A 53 -21.56 -14.31 -5.45
CA PHE A 53 -21.28 -15.66 -4.94
C PHE A 53 -22.56 -16.47 -4.81
N ASP A 54 -23.64 -15.82 -4.34
CA ASP A 54 -24.87 -16.56 -4.06
C ASP A 54 -25.55 -17.00 -5.35
N SER A 55 -25.60 -16.13 -6.35
CA SER A 55 -26.39 -16.38 -7.55
C SER A 55 -25.55 -16.84 -8.72
N ARG A 56 -24.39 -16.21 -8.97
CA ARG A 56 -23.60 -16.61 -10.12
C ARG A 56 -22.71 -17.82 -9.85
N LEU A 57 -22.19 -17.97 -8.62
CA LEU A 57 -21.43 -19.14 -8.25
C LEU A 57 -22.27 -20.12 -7.42
N GLY A 58 -23.56 -19.86 -7.30
CA GLY A 58 -24.49 -20.82 -6.71
C GLY A 58 -24.31 -21.05 -5.22
N GLY A 59 -23.58 -20.20 -4.51
CA GLY A 59 -23.43 -20.36 -3.08
C GLY A 59 -22.64 -21.57 -2.64
N ARG A 60 -21.76 -22.10 -3.50
CA ARG A 60 -21.03 -23.33 -3.17
C ARG A 60 -20.20 -23.15 -1.90
N ALA A 61 -20.26 -24.17 -1.04
CA ALA A 61 -19.57 -24.15 0.25
C ALA A 61 -18.05 -23.99 0.12
N GLU A 62 -17.45 -24.38 -1.01
CA GLU A 62 -16.01 -24.19 -1.16
C GLU A 62 -15.63 -22.72 -1.16
N PHE A 63 -16.56 -21.82 -1.43
CA PHE A 63 -16.29 -20.40 -1.37
C PHE A 63 -16.69 -19.76 -0.05
N ALA A 64 -17.14 -20.55 0.94
CA ALA A 64 -17.62 -19.93 2.17
C ALA A 64 -16.48 -19.28 2.95
N LEU A 65 -15.40 -20.01 3.20
CA LEU A 65 -14.28 -19.43 3.93
C LEU A 65 -13.66 -18.27 3.16
N LEU A 66 -13.67 -18.35 1.83
CA LEU A 66 -13.14 -17.27 1.00
C LEU A 66 -13.87 -15.95 1.27
N GLN A 67 -15.19 -15.99 1.42
CA GLN A 67 -15.95 -14.76 1.68
C GLN A 67 -15.72 -14.22 3.09
N CYS A 68 -15.57 -15.08 4.11
CA CYS A 68 -15.12 -14.57 5.40
C CYS A 68 -13.87 -13.73 5.27
N LEU A 69 -12.95 -14.15 4.41
CA LEU A 69 -11.70 -13.43 4.28
C LEU A 69 -11.86 -12.21 3.39
N MET A 70 -12.72 -12.29 2.37
CA MET A 70 -12.81 -11.22 1.38
C MET A 70 -13.67 -10.06 1.89
N THR A 71 -14.84 -10.36 2.50
CA THR A 71 -15.76 -9.33 2.97
C THR A 71 -16.06 -9.38 4.46
N GLY A 72 -15.73 -10.48 5.14
CA GLY A 72 -16.12 -10.66 6.51
C GLY A 72 -17.42 -11.42 6.71
N ARG A 73 -18.09 -11.79 5.63
CA ARG A 73 -19.36 -12.50 5.67
C ARG A 73 -19.29 -13.74 6.56
N PRO A 74 -20.26 -13.96 7.46
CA PRO A 74 -20.23 -15.16 8.29
C PRO A 74 -20.49 -16.42 7.47
N ALA A 75 -19.84 -17.51 7.90
CA ALA A 75 -20.12 -18.85 7.39
C ALA A 75 -20.40 -19.78 8.56
N GLU A 76 -21.46 -20.58 8.46
CA GLU A 76 -21.75 -21.53 9.53
C GLU A 76 -20.62 -22.55 9.60
N HIS A 77 -20.08 -22.76 10.80
CA HIS A 77 -18.95 -23.66 10.98
C HIS A 77 -19.25 -25.05 10.43
N ALA A 78 -20.45 -25.55 10.67
CA ALA A 78 -20.79 -26.88 10.21
C ALA A 78 -21.02 -26.96 8.71
N ALA A 79 -21.16 -25.82 8.01
CA ALA A 79 -21.32 -25.82 6.57
C ALA A 79 -20.00 -25.77 5.81
N LEU A 80 -18.88 -25.56 6.50
CA LEU A 80 -17.58 -25.53 5.83
C LEU A 80 -17.17 -26.95 5.44
N PRO A 81 -16.62 -27.14 4.23
CA PRO A 81 -16.05 -28.45 3.90
C PRO A 81 -15.00 -28.84 4.94
N ASP A 82 -14.79 -30.16 5.10
CA ASP A 82 -13.90 -30.66 6.15
C ASP A 82 -12.49 -30.07 6.11
N LYS A 83 -11.87 -29.95 4.92
CA LYS A 83 -10.54 -29.35 4.90
C LYS A 83 -10.58 -27.86 5.24
N ASP A 84 -11.63 -27.16 4.79
CA ASP A 84 -11.74 -25.75 5.09
C ASP A 84 -12.05 -25.51 6.57
N ARG A 85 -12.65 -26.48 7.25
CA ARG A 85 -13.07 -26.25 8.62
C ARG A 85 -11.87 -26.24 9.57
N ALA A 86 -10.91 -27.15 9.38
CA ALA A 86 -9.71 -27.11 10.19
C ALA A 86 -8.89 -25.85 9.94
N LEU A 87 -8.80 -25.42 8.68
CA LEU A 87 -8.11 -24.17 8.40
C LEU A 87 -8.82 -23.00 9.07
N ALA A 88 -10.15 -22.96 9.00
CA ALA A 88 -10.89 -21.88 9.66
C ALA A 88 -10.59 -21.84 11.16
N ASP A 89 -10.51 -23.00 11.81
CA ASP A 89 -10.14 -23.02 13.23
C ASP A 89 -8.75 -22.45 13.44
N ALA A 90 -7.79 -22.82 12.58
CA ALA A 90 -6.44 -22.27 12.71
C ALA A 90 -6.44 -20.75 12.55
N LEU A 91 -7.24 -20.24 11.60
CA LEU A 91 -7.28 -18.79 11.38
C LEU A 91 -7.90 -18.06 12.56
N VAL A 92 -8.93 -18.65 13.19
CA VAL A 92 -9.50 -18.05 14.39
C VAL A 92 -8.46 -18.01 15.50
N THR A 93 -7.73 -19.11 15.68
CA THR A 93 -6.69 -19.16 16.71
C THR A 93 -5.61 -18.12 16.46
N ALA A 94 -5.31 -17.84 15.18
CA ALA A 94 -4.31 -16.83 14.82
C ALA A 94 -4.86 -15.42 14.89
N GLY A 95 -6.15 -15.24 15.11
CA GLY A 95 -6.72 -13.90 15.09
C GLY A 95 -6.96 -13.31 13.73
N LEU A 96 -6.93 -14.12 12.66
CA LEU A 96 -7.16 -13.63 11.32
C LEU A 96 -8.62 -13.77 10.89
N LEU A 97 -9.42 -14.52 11.63
CA LEU A 97 -10.86 -14.57 11.51
C LEU A 97 -11.43 -14.63 12.93
N ARG A 98 -12.72 -14.34 13.06
CA ARG A 98 -13.43 -14.43 14.34
C ARG A 98 -14.37 -15.61 14.35
N ALA A 99 -14.60 -16.16 15.55
CA ALA A 99 -15.73 -17.06 15.77
C ALA A 99 -16.87 -16.28 16.44
N SER A 100 -18.10 -16.64 16.11
CA SER A 100 -19.26 -16.06 16.80
C SER A 100 -19.24 -16.50 18.26
N PRO A 101 -19.97 -15.81 19.16
CA PRO A 101 -19.86 -16.16 20.59
C PRO A 101 -20.25 -17.61 20.89
N ASP A 102 -21.25 -18.17 20.21
CA ASP A 102 -21.62 -19.55 20.46
C ASP A 102 -20.77 -20.55 19.67
N GLY A 103 -19.77 -20.09 18.92
CA GLY A 103 -18.92 -20.99 18.18
C GLY A 103 -19.51 -21.56 16.92
N ARG A 104 -20.71 -21.14 16.53
CA ARG A 104 -21.40 -21.77 15.42
C ARG A 104 -21.04 -21.18 14.06
N GLU A 105 -20.35 -20.05 14.01
CA GLU A 105 -19.97 -19.51 12.71
C GLU A 105 -18.60 -18.87 12.80
N VAL A 106 -18.01 -18.59 11.63
CA VAL A 106 -16.77 -17.82 11.51
C VAL A 106 -17.05 -16.63 10.61
N SER A 107 -16.36 -15.53 10.88
CA SER A 107 -16.63 -14.29 10.17
C SER A 107 -15.36 -13.43 10.21
N GLY A 108 -15.45 -12.22 9.65
CA GLY A 108 -14.25 -11.42 9.47
C GLY A 108 -13.67 -10.92 10.78
N ALA A 109 -12.35 -10.79 10.80
CA ALA A 109 -11.64 -10.09 11.86
C ALA A 109 -11.19 -8.73 11.33
N ASP A 110 -9.94 -8.32 11.49
CA ASP A 110 -9.53 -6.99 11.02
C ASP A 110 -8.67 -7.07 9.77
N ARG A 111 -8.66 -8.20 9.06
CA ARG A 111 -7.86 -8.33 7.86
C ARG A 111 -8.75 -8.70 6.69
N GLN A 112 -8.56 -8.03 5.57
CA GLN A 112 -9.31 -8.26 4.36
C GLN A 112 -8.37 -8.84 3.31
N LEU A 113 -8.86 -9.82 2.55
CA LEU A 113 -8.06 -10.50 1.54
C LEU A 113 -8.36 -9.88 0.19
N ILE A 114 -7.33 -9.39 -0.50
CA ILE A 114 -7.47 -8.86 -1.83
C ILE A 114 -6.39 -9.50 -2.70
N SER A 115 -6.40 -9.15 -3.98
CA SER A 115 -5.29 -9.47 -4.86
C SER A 115 -4.94 -8.20 -5.63
N ALA A 116 -3.65 -8.04 -5.94
CA ALA A 116 -3.21 -6.91 -6.75
C ALA A 116 -1.90 -7.28 -7.41
N PHE A 117 -1.78 -6.96 -8.70
CA PHE A 117 -0.56 -7.19 -9.46
C PHE A 117 -0.12 -8.65 -9.40
N GLY A 118 -1.07 -9.58 -9.33
CA GLY A 118 -0.72 -11.00 -9.32
C GLY A 118 -0.30 -11.56 -7.98
N VAL A 119 -0.45 -10.78 -6.89
CA VAL A 119 -0.04 -11.14 -5.54
C VAL A 119 -1.26 -11.24 -4.64
N ASP A 120 -1.29 -12.23 -3.74
CA ASP A 120 -2.37 -12.29 -2.75
C ASP A 120 -1.94 -11.53 -1.51
N LEU A 121 -2.85 -10.73 -0.95
CA LEU A 121 -2.47 -9.75 0.05
C LEU A 121 -3.54 -9.65 1.13
N LEU A 122 -3.14 -9.82 2.39
CA LEU A 122 -3.98 -9.44 3.52
C LEU A 122 -3.70 -7.99 3.90
N ILE A 123 -4.75 -7.19 4.03
CA ILE A 123 -4.64 -5.77 4.35
C ILE A 123 -5.50 -5.47 5.57
N ASP A 124 -5.35 -4.26 6.12
CA ASP A 124 -6.21 -3.82 7.23
C ASP A 124 -7.63 -3.60 6.74
N ARG A 125 -8.55 -4.46 7.18
CA ARG A 125 -9.95 -4.38 6.75
C ARG A 125 -10.60 -3.05 7.10
N ARG A 126 -10.11 -2.35 8.11
CA ARG A 126 -10.80 -1.14 8.55
C ARG A 126 -10.70 0.01 7.56
N ILE A 127 -9.83 -0.09 6.55
CA ILE A 127 -9.76 0.99 5.58
C ILE A 127 -10.94 0.95 4.60
N HIS A 128 -11.55 -0.22 4.39
CA HIS A 128 -12.69 -0.35 3.46
C HIS A 128 -14.00 -0.73 4.14
N PHE A 129 -13.98 -1.12 5.42
CA PHE A 129 -15.15 -1.65 6.11
C PHE A 129 -15.24 -1.01 7.49
N GLY A 130 -16.45 -0.70 7.93
CA GLY A 130 -16.61 -0.01 9.20
C GLY A 130 -16.27 1.47 9.15
N GLY A 131 -15.02 1.80 8.81
CA GLY A 131 -14.54 3.18 8.73
C GLY A 131 -13.61 3.57 9.85
N GLU A 132 -13.50 2.74 10.89
CA GLU A 132 -12.57 2.94 12.01
C GLU A 132 -11.17 3.20 11.49
N VAL A 133 -10.42 4.03 12.21
CA VAL A 133 -9.08 4.36 11.75
C VAL A 133 -8.24 3.09 11.73
N HIS A 134 -7.68 2.79 10.56
CA HIS A 134 -6.88 1.60 10.34
C HIS A 134 -5.46 1.82 10.85
N GLU A 135 -4.70 0.74 10.99
CA GLU A 135 -3.31 0.82 11.41
C GLU A 135 -2.32 0.55 10.29
N VAL A 136 -2.75 0.00 9.15
CA VAL A 136 -1.89 -0.14 7.98
C VAL A 136 -2.59 0.48 6.78
N TYR A 137 -1.85 1.27 6.01
CA TYR A 137 -2.40 1.94 4.84
C TYR A 137 -2.22 1.09 3.59
N ILE A 138 -3.19 1.19 2.69
CA ILE A 138 -3.02 0.88 1.26
C ILE A 138 -3.99 1.75 0.47
N GLY A 139 -3.55 2.26 -0.67
CA GLY A 139 -4.43 3.09 -1.46
C GLY A 139 -4.17 2.97 -2.95
N PRO A 140 -4.94 3.70 -3.76
CA PRO A 140 -4.63 3.73 -5.20
C PRO A 140 -3.24 4.24 -5.46
N ASP A 141 -2.67 5.04 -4.55
CA ASP A 141 -1.33 5.58 -4.82
C ASP A 141 -0.29 4.47 -4.89
N SER A 142 -0.36 3.48 -3.97
CA SER A 142 0.49 2.31 -4.05
C SER A 142 0.39 1.64 -5.42
N TYR A 143 -0.83 1.48 -5.93
CA TYR A 143 -1.04 0.83 -7.22
C TYR A 143 -0.43 1.65 -8.34
N TRP A 144 -0.54 2.97 -8.27
CA TRP A 144 -0.06 3.77 -9.39
C TRP A 144 1.46 3.81 -9.43
N MET A 145 2.14 3.81 -8.27
CA MET A 145 3.58 3.55 -8.22
C MET A 145 3.98 2.34 -9.05
N LEU A 146 3.39 1.21 -8.74
CA LEU A 146 3.81 -0.07 -9.32
C LEU A 146 3.47 -0.16 -10.79
N TYR A 147 2.36 0.47 -11.18
CA TYR A 147 1.92 0.45 -12.58
C TYR A 147 3.03 0.94 -13.52
N TYR A 148 3.77 1.98 -13.13
CA TYR A 148 4.75 2.57 -14.04
C TYR A 148 6.09 1.82 -14.06
N ILE A 149 6.27 0.77 -13.25
CA ILE A 149 7.54 0.05 -13.24
C ILE A 149 7.69 -0.77 -14.52
N ASN A 150 8.87 -0.66 -15.17
CA ASN A 150 9.18 -1.42 -16.38
C ASN A 150 9.67 -2.80 -15.95
N ALA A 151 8.73 -3.76 -15.85
CA ALA A 151 9.05 -5.05 -15.27
C ALA A 151 10.01 -5.84 -16.15
N SER A 152 9.92 -5.71 -17.47
CA SER A 152 10.80 -6.47 -18.35
C SER A 152 12.27 -6.06 -18.19
N GLY A 153 12.55 -4.89 -17.63
CA GLY A 153 13.95 -4.55 -17.38
C GLY A 153 14.57 -5.09 -16.10
N ILE A 154 13.85 -5.87 -15.30
CA ILE A 154 14.37 -6.36 -14.03
C ILE A 154 15.04 -7.72 -14.23
N ALA A 155 16.31 -7.81 -13.86
CA ALA A 155 17.01 -9.10 -13.88
C ALA A 155 16.86 -9.82 -12.53
N ARG A 156 17.06 -11.14 -12.57
CA ARG A 156 16.95 -11.94 -11.36
C ARG A 156 17.95 -11.49 -10.30
N THR A 157 19.10 -10.98 -10.72
CA THR A 157 20.17 -10.62 -9.80
C THR A 157 20.15 -9.14 -9.44
N HIS A 158 19.17 -8.37 -9.94
CA HIS A 158 19.05 -6.99 -9.50
C HIS A 158 18.69 -6.91 -8.03
N ARG A 159 19.34 -5.98 -7.32
CA ARG A 159 19.06 -5.72 -5.92
C ARG A 159 17.99 -4.65 -5.83
N ALA A 160 16.88 -4.93 -5.17
CA ALA A 160 15.78 -4.00 -5.08
C ALA A 160 15.38 -3.80 -3.63
N VAL A 161 14.89 -2.60 -3.31
CA VAL A 161 14.43 -2.29 -1.96
C VAL A 161 13.08 -1.58 -2.05
N ASP A 162 12.15 -1.99 -1.20
CA ASP A 162 10.88 -1.30 -0.99
C ASP A 162 10.90 -0.71 0.41
N LEU A 163 11.05 0.61 0.50
CA LEU A 163 11.09 1.29 1.79
C LEU A 163 9.67 1.56 2.25
N CYS A 164 9.46 1.51 3.58
CA CYS A 164 8.15 1.81 4.16
C CYS A 164 7.09 0.89 3.55
N THR A 165 7.36 -0.41 3.64
CA THR A 165 6.64 -1.38 2.83
C THR A 165 5.18 -1.61 3.29
N GLY A 166 4.85 -1.32 4.54
CA GLY A 166 3.47 -1.44 4.99
C GLY A 166 2.99 -2.88 4.90
N SER A 167 1.91 -3.10 4.16
CA SER A 167 1.41 -4.46 3.93
C SER A 167 2.39 -5.32 3.14
N GLY A 168 3.31 -4.72 2.41
CA GLY A 168 4.28 -5.47 1.63
C GLY A 168 4.05 -5.47 0.15
N ILE A 169 3.00 -4.80 -0.35
CA ILE A 169 2.59 -4.98 -1.75
C ILE A 169 3.73 -4.65 -2.73
N ALA A 170 4.47 -3.57 -2.50
CA ALA A 170 5.51 -3.21 -3.47
C ALA A 170 6.65 -4.22 -3.46
N ALA A 171 7.05 -4.66 -2.26
CA ALA A 171 8.11 -5.67 -2.15
C ALA A 171 7.70 -6.98 -2.80
N LEU A 172 6.44 -7.40 -2.59
CA LEU A 172 5.98 -8.64 -3.20
C LEU A 172 5.89 -8.54 -4.72
N TYR A 173 5.45 -7.39 -5.22
CA TYR A 173 5.52 -7.14 -6.67
C TYR A 173 6.95 -7.28 -7.19
N LEU A 174 7.90 -6.60 -6.55
CA LEU A 174 9.28 -6.72 -7.02
C LEU A 174 9.79 -8.15 -6.96
N SER A 175 9.34 -8.91 -5.95
N SER A 175 9.35 -8.91 -5.93
CA SER A 175 9.76 -10.30 -5.79
CA SER A 175 9.76 -10.31 -5.78
C SER A 175 9.19 -11.22 -6.88
C SER A 175 9.21 -11.22 -6.90
N LEU A 176 8.25 -10.74 -7.70
CA LEU A 176 7.86 -11.48 -8.90
C LEU A 176 8.98 -11.56 -9.92
N PHE A 177 9.91 -10.62 -9.89
CA PHE A 177 10.89 -10.45 -10.97
C PHE A 177 12.33 -10.63 -10.52
N THR A 178 12.71 -10.12 -9.34
CA THR A 178 14.07 -10.30 -8.85
C THR A 178 14.07 -11.19 -7.62
N ASP A 179 15.18 -11.90 -7.44
CA ASP A 179 15.37 -12.78 -6.30
C ASP A 179 16.08 -12.09 -5.14
N HIS A 180 16.23 -10.76 -5.17
CA HIS A 180 16.92 -10.04 -4.09
C HIS A 180 16.12 -8.80 -3.72
N VAL A 181 15.22 -8.93 -2.75
CA VAL A 181 14.33 -7.83 -2.38
C VAL A 181 14.50 -7.54 -0.90
N LEU A 182 14.66 -6.27 -0.57
CA LEU A 182 14.64 -5.77 0.81
C LEU A 182 13.38 -4.96 1.06
N ALA A 183 12.66 -5.27 2.14
CA ALA A 183 11.44 -4.56 2.51
C ALA A 183 11.61 -4.07 3.95
N THR A 184 11.38 -2.77 4.18
CA THR A 184 11.63 -2.16 5.49
C THR A 184 10.39 -1.47 6.03
N ASP A 185 10.29 -1.44 7.35
CA ASP A 185 9.26 -0.65 8.01
C ASP A 185 9.70 -0.51 9.47
N ILE A 186 9.00 0.34 10.22
CA ILE A 186 9.27 0.46 11.65
C ILE A 186 8.05 0.15 12.50
N GLY A 187 6.89 -0.10 11.92
CA GLY A 187 5.68 -0.35 12.70
C GLY A 187 5.49 -1.83 12.99
N ASP A 188 5.17 -2.16 14.25
CA ASP A 188 4.95 -3.55 14.61
C ASP A 188 3.87 -4.19 13.76
N VAL A 189 2.80 -3.45 13.49
CA VAL A 189 1.63 -4.01 12.80
C VAL A 189 1.99 -4.26 11.34
N PRO A 190 2.47 -3.28 10.57
CA PRO A 190 2.84 -3.61 9.18
C PRO A 190 3.94 -4.66 9.10
N LEU A 191 4.93 -4.63 10.00
CA LEU A 191 5.99 -5.65 9.96
C LEU A 191 5.43 -7.05 10.13
N ALA A 192 4.49 -7.22 11.08
CA ALA A 192 3.84 -8.52 11.23
C ALA A 192 3.07 -8.90 9.96
N LEU A 193 2.42 -7.91 9.33
CA LEU A 193 1.60 -8.19 8.15
C LEU A 193 2.45 -8.56 6.93
N VAL A 194 3.57 -7.86 6.69
CA VAL A 194 4.37 -8.23 5.52
C VAL A 194 5.03 -9.60 5.73
N GLU A 195 5.32 -9.98 6.97
CA GLU A 195 5.79 -11.34 7.23
C GLU A 195 4.77 -12.37 6.78
N ILE A 196 3.52 -12.16 7.17
CA ILE A 196 2.42 -13.02 6.74
C ILE A 196 2.29 -13.00 5.23
N ASN A 197 2.30 -11.82 4.63
CA ASN A 197 2.07 -11.76 3.19
C ASN A 197 3.22 -12.34 2.39
N ARG A 198 4.46 -12.25 2.91
CA ARG A 198 5.57 -12.92 2.24
C ARG A 198 5.34 -14.43 2.18
N ARG A 199 4.99 -15.02 3.33
CA ARG A 199 4.69 -16.45 3.36
C ARG A 199 3.47 -16.80 2.50
N LEU A 200 2.45 -15.94 2.53
CA LEU A 200 1.25 -16.17 1.74
C LEU A 200 1.53 -16.28 0.25
N ASN A 201 2.64 -15.71 -0.23
CA ASN A 201 3.01 -15.78 -1.63
C ASN A 201 4.21 -16.70 -1.86
N ARG A 202 4.37 -17.68 -0.95
CA ARG A 202 5.37 -18.76 -1.07
C ARG A 202 6.79 -18.22 -1.11
N ARG A 203 7.05 -17.15 -0.36
CA ARG A 203 8.36 -16.53 -0.27
C ARG A 203 8.89 -16.65 1.15
N ASP A 204 10.20 -16.52 1.31
CA ASP A 204 10.81 -16.43 2.63
C ASP A 204 12.11 -15.63 2.52
N ALA A 205 12.91 -15.66 3.59
CA ALA A 205 14.11 -14.84 3.64
C ALA A 205 15.15 -15.25 2.59
N GLY A 206 14.94 -16.35 1.87
CA GLY A 206 15.83 -16.71 0.78
C GLY A 206 15.85 -15.69 -0.35
N THR A 207 14.71 -15.03 -0.62
CA THR A 207 14.67 -14.03 -1.69
C THR A 207 14.15 -12.67 -1.23
N MET A 208 13.53 -12.57 -0.06
CA MET A 208 13.00 -11.31 0.45
C MET A 208 13.31 -11.18 1.92
N GLU A 209 14.17 -10.23 2.24
CA GLU A 209 14.49 -9.87 3.61
C GLU A 209 13.50 -8.82 4.09
N ILE A 210 12.96 -9.01 5.29
CA ILE A 210 12.14 -8.02 5.95
C ILE A 210 12.94 -7.43 7.10
N ARG A 211 13.05 -6.10 7.15
CA ARG A 211 13.92 -5.44 8.10
C ARG A 211 13.18 -4.34 8.84
N ARG A 212 13.28 -4.34 10.17
CA ARG A 212 12.79 -3.22 10.98
C ARG A 212 13.88 -2.13 10.99
N GLU A 213 13.65 -1.03 10.28
CA GLU A 213 14.71 -0.04 10.09
C GLU A 213 14.13 1.28 9.58
N ASN A 214 14.58 2.39 10.18
CA ASN A 214 14.16 3.71 9.75
C ASN A 214 14.62 3.97 8.32
N LEU A 215 13.78 4.68 7.56
CA LEU A 215 14.09 5.06 6.18
C LEU A 215 15.49 5.65 6.05
N ASN A 216 15.82 6.61 6.91
CA ASN A 216 17.08 7.31 6.74
C ASN A 216 18.28 6.43 7.03
N ASP A 217 18.11 5.42 7.90
CA ASP A 217 19.17 4.45 8.14
C ASP A 217 19.41 3.57 6.92
N THR A 218 18.34 3.09 6.29
CA THR A 218 18.56 2.31 5.07
C THR A 218 19.24 3.17 4.01
N LEU A 219 18.85 4.44 3.91
CA LEU A 219 19.36 5.32 2.86
C LEU A 219 20.78 5.78 3.11
N ASP A 220 21.20 5.84 4.37
CA ASP A 220 22.57 6.29 4.64
C ASP A 220 23.53 5.13 4.55
N GLY A 221 23.05 3.91 4.73
CA GLY A 221 23.85 2.70 4.69
C GLY A 221 24.73 2.50 3.46
N ARG A 222 25.52 1.42 3.54
CA ARG A 222 26.47 1.05 2.49
C ARG A 222 25.83 0.22 1.39
N GLU A 223 24.58 -0.19 1.55
CA GLU A 223 23.95 -1.05 0.56
C GLU A 223 23.58 -0.26 -0.69
N ARG A 224 23.77 -0.88 -1.84
N ARG A 224 23.77 -0.88 -1.84
CA ARG A 224 23.48 -0.26 -3.13
CA ARG A 224 23.48 -0.26 -3.13
C ARG A 224 22.41 -1.08 -3.85
C ARG A 224 22.42 -1.08 -3.86
N PHE A 225 21.49 -0.39 -4.51
CA PHE A 225 20.36 -1.03 -5.14
C PHE A 225 20.26 -0.63 -6.60
N ASP A 226 19.72 -1.54 -7.41
CA ASP A 226 19.41 -1.24 -8.79
C ASP A 226 18.02 -0.67 -8.98
N LEU A 227 17.12 -0.93 -8.04
CA LEU A 227 15.72 -0.54 -8.15
C LEU A 227 15.21 -0.19 -6.75
N LEU A 228 14.53 0.95 -6.63
CA LEU A 228 13.99 1.37 -5.34
C LEU A 228 12.55 1.82 -5.52
N THR A 229 11.67 1.40 -4.61
CA THR A 229 10.29 1.90 -4.57
C THR A 229 10.01 2.47 -3.18
N CYS A 230 9.18 3.50 -3.11
CA CYS A 230 8.76 3.98 -1.79
C CYS A 230 7.53 4.83 -1.93
N ALA A 231 6.47 4.46 -1.20
CA ALA A 231 5.30 5.30 -0.98
C ALA A 231 5.37 5.69 0.50
N PRO A 232 6.07 6.77 0.86
CA PRO A 232 6.32 7.06 2.28
C PRO A 232 5.17 7.85 2.86
N PRO A 233 5.08 7.99 4.18
CA PRO A 233 4.16 8.98 4.77
C PRO A 233 4.42 10.34 4.13
N PHE A 234 3.38 10.97 3.61
CA PHE A 234 3.55 12.26 2.94
C PHE A 234 2.46 13.26 3.23
N VAL A 235 1.42 12.92 3.98
CA VAL A 235 0.33 13.87 4.21
C VAL A 235 0.81 14.96 5.16
N ALA A 236 0.47 16.21 4.84
CA ALA A 236 0.86 17.35 5.65
C ALA A 236 -0.33 17.79 6.51
N PHE A 237 -0.17 17.71 7.83
CA PHE A 237 -1.19 18.14 8.79
C PHE A 237 -0.78 19.42 9.49
N PRO A 238 -1.72 20.28 9.88
CA PRO A 238 -1.37 21.59 10.48
C PRO A 238 -0.59 21.42 11.78
N PRO A 239 0.13 22.46 12.20
CA PRO A 239 0.90 22.37 13.44
C PRO A 239 0.00 22.12 14.64
N GLY A 240 0.44 21.20 15.50
CA GLY A 240 -0.27 20.83 16.68
C GLY A 240 -1.06 19.54 16.55
N TYR A 241 -1.40 19.14 15.32
CA TYR A 241 -2.24 17.97 15.13
C TYR A 241 -1.39 16.73 14.97
N SER A 242 -1.88 15.63 15.54
CA SER A 242 -1.19 14.33 15.46
C SER A 242 -1.91 13.45 14.45
N GLY A 243 -1.15 12.94 13.47
CA GLY A 243 -1.70 11.96 12.55
C GLY A 243 -1.45 10.53 13.01
N THR A 244 -1.06 9.66 12.08
CA THR A 244 -0.66 8.29 12.39
C THR A 244 0.70 8.03 11.77
N LEU A 245 1.35 6.97 12.26
CA LEU A 245 2.65 6.57 11.73
C LEU A 245 2.62 6.41 10.21
N TYR A 246 1.53 5.89 9.65
CA TYR A 246 1.55 5.59 8.22
C TYR A 246 1.17 6.78 7.36
N SER A 247 0.59 7.83 7.94
CA SER A 247 0.03 8.92 7.16
C SER A 247 0.86 10.20 7.21
N GLN A 248 1.38 10.57 8.38
CA GLN A 248 1.91 11.91 8.58
C GLN A 248 3.35 12.04 8.05
N GLY A 249 3.54 12.91 7.06
CA GLY A 249 4.88 13.17 6.56
C GLY A 249 5.68 14.06 7.50
N THR A 250 7.00 14.06 7.29
CA THR A 250 7.89 14.92 8.05
C THR A 250 8.09 16.26 7.35
N GLY A 251 8.70 17.20 8.07
CA GLY A 251 8.99 18.50 7.53
C GLY A 251 7.78 19.41 7.54
N VAL A 252 8.01 20.66 7.14
CA VAL A 252 7.01 21.71 7.30
C VAL A 252 5.81 21.48 6.39
N ASP A 253 6.04 20.85 5.23
CA ASP A 253 4.99 20.62 4.24
C ASP A 253 4.69 19.14 4.06
N GLY A 254 5.18 18.28 4.95
CA GLY A 254 4.89 16.86 4.87
C GLY A 254 5.77 16.06 3.94
N LEU A 255 6.68 16.70 3.20
CA LEU A 255 7.44 15.99 2.17
C LEU A 255 8.88 15.69 2.59
N GLY A 256 9.19 15.79 3.88
CA GLY A 256 10.56 15.58 4.32
C GLY A 256 11.12 14.22 3.92
N TYR A 257 10.30 13.17 4.03
CA TYR A 257 10.74 11.85 3.61
C TYR A 257 10.99 11.79 2.11
N MET A 258 10.20 12.49 1.32
CA MET A 258 10.48 12.49 -0.12
C MET A 258 11.81 13.17 -0.41
N ARG A 259 12.07 14.30 0.26
CA ARG A 259 13.35 14.99 0.14
C ARG A 259 14.49 14.09 0.56
N ASP A 260 14.32 13.39 1.70
CA ASP A 260 15.35 12.49 2.20
C ASP A 260 15.74 11.46 1.16
N ILE A 261 14.73 10.80 0.56
CA ILE A 261 14.98 9.73 -0.40
C ILE A 261 15.69 10.29 -1.63
N VAL A 262 15.13 11.35 -2.21
CA VAL A 262 15.64 11.84 -3.49
C VAL A 262 17.08 12.30 -3.33
N GLY A 263 17.39 12.96 -2.22
CA GLY A 263 18.74 13.47 -1.99
C GLY A 263 19.81 12.39 -1.91
N ARG A 264 19.45 11.18 -1.50
CA ARG A 264 20.42 10.10 -1.37
C ARG A 264 20.48 9.17 -2.57
N LEU A 265 19.57 9.30 -3.52
CA LEU A 265 19.53 8.41 -4.68
C LEU A 265 20.84 8.31 -5.45
N PRO A 266 21.58 9.40 -5.72
CA PRO A 266 22.87 9.22 -6.42
C PRO A 266 23.84 8.37 -5.66
N GLU A 267 23.72 8.28 -4.33
CA GLU A 267 24.59 7.41 -3.56
C GLU A 267 24.01 6.03 -3.29
N VAL A 268 22.68 5.86 -3.23
CA VAL A 268 22.16 4.54 -2.90
C VAL A 268 21.84 3.68 -4.13
N LEU A 269 21.60 4.29 -5.28
CA LEU A 269 21.39 3.50 -6.49
C LEU A 269 22.71 3.25 -7.19
N ASN A 270 22.85 2.07 -7.79
CA ASN A 270 23.93 1.86 -8.74
C ASN A 270 23.68 2.74 -9.97
N PRO A 271 24.75 3.16 -10.66
CA PRO A 271 24.58 3.99 -11.87
C PRO A 271 23.69 3.32 -12.89
N GLY A 272 22.67 4.05 -13.34
CA GLY A 272 21.67 3.50 -14.22
C GLY A 272 20.48 2.90 -13.50
N GLY A 273 20.50 2.81 -12.18
CA GLY A 273 19.35 2.33 -11.44
C GLY A 273 18.25 3.36 -11.38
N SER A 274 17.08 2.90 -10.94
N SER A 274 17.07 2.94 -10.94
CA SER A 274 15.85 3.70 -10.97
CA SER A 274 15.92 3.84 -10.96
C SER A 274 15.19 3.69 -9.59
C SER A 274 15.10 3.66 -9.70
N ALA A 275 14.46 4.76 -9.30
CA ALA A 275 13.57 4.79 -8.15
C ALA A 275 12.18 5.17 -8.62
N TYR A 276 11.18 4.62 -7.96
CA TYR A 276 9.79 4.95 -8.21
C TYR A 276 9.19 5.39 -6.89
N LEU A 277 8.64 6.60 -6.86
CA LEU A 277 8.05 7.16 -5.65
C LEU A 277 6.63 7.58 -5.98
N VAL A 278 5.80 7.74 -4.96
CA VAL A 278 4.47 8.31 -5.17
C VAL A 278 4.10 9.16 -3.96
N ALA A 279 3.48 10.30 -4.22
CA ALA A 279 2.99 11.17 -3.16
C ALA A 279 1.88 12.06 -3.71
N ASP A 280 1.03 12.53 -2.81
CA ASP A 280 0.04 13.56 -3.14
C ASP A 280 0.71 14.91 -2.89
N LEU A 281 1.02 15.64 -3.96
CA LEU A 281 1.89 16.82 -3.87
C LEU A 281 1.08 18.11 -4.02
N CYS A 282 1.28 19.03 -3.07
N CYS A 282 1.25 19.04 -3.08
CA CYS A 282 0.70 20.37 -3.17
CA CYS A 282 0.58 20.32 -3.21
C CYS A 282 1.26 21.12 -4.37
C CYS A 282 1.26 21.19 -4.26
N GLY A 283 0.46 22.02 -4.92
CA GLY A 283 0.94 22.86 -6.01
C GLY A 283 -0.05 23.94 -6.35
N ASP A 284 0.34 24.76 -7.33
CA ASP A 284 -0.51 25.80 -7.87
C ASP A 284 -1.20 25.27 -9.12
N ALA A 285 -1.73 26.19 -9.94
CA ALA A 285 -2.41 25.78 -11.17
C ALA A 285 -1.45 25.13 -12.18
N HIS A 286 -0.16 25.44 -12.11
CA HIS A 286 0.75 24.89 -13.11
C HIS A 286 1.30 23.52 -12.72
N GLY A 287 1.41 23.23 -11.43
CA GLY A 287 1.76 21.88 -11.03
C GLY A 287 2.35 21.83 -9.63
N PRO A 288 2.80 20.64 -9.23
CA PRO A 288 3.23 20.44 -7.84
C PRO A 288 4.54 21.19 -7.55
N HIS A 289 4.55 21.90 -6.41
CA HIS A 289 5.72 22.67 -6.00
C HIS A 289 6.97 21.81 -5.90
N PHE A 290 6.83 20.56 -5.47
CA PHE A 290 7.98 19.68 -5.25
C PHE A 290 8.82 19.47 -6.51
N LEU A 291 8.20 19.44 -7.68
CA LEU A 291 8.97 19.21 -8.90
C LEU A 291 10.03 20.29 -9.12
N GLY A 292 9.78 21.53 -8.65
CA GLY A 292 10.76 22.59 -8.75
C GLY A 292 12.04 22.26 -8.00
N GLU A 293 11.94 21.54 -6.89
CA GLU A 293 13.12 21.14 -6.12
C GLU A 293 13.94 20.08 -6.83
N LEU A 294 13.35 19.35 -7.77
CA LEU A 294 14.05 18.26 -8.44
C LEU A 294 14.97 18.72 -9.55
N GLU A 295 14.85 19.97 -9.99
CA GLU A 295 15.76 20.49 -11.01
C GLU A 295 17.21 20.41 -10.53
N SER A 296 17.42 20.50 -9.22
CA SER A 296 18.78 20.37 -8.68
C SER A 296 19.35 18.97 -8.90
N MET A 297 18.48 17.97 -9.02
CA MET A 297 18.91 16.61 -9.24
C MET A 297 19.29 16.40 -10.70
N VAL A 298 18.51 16.98 -11.61
CA VAL A 298 18.81 16.98 -13.06
C VAL A 298 20.16 17.64 -13.31
N THR A 299 20.30 18.90 -12.90
CA THR A 299 21.52 19.64 -13.18
C THR A 299 22.70 19.09 -12.38
N GLY A 300 22.52 18.91 -11.07
CA GLY A 300 23.64 18.50 -10.25
C GLY A 300 24.05 17.05 -10.41
N HIS A 301 23.14 16.18 -10.87
CA HIS A 301 23.48 14.76 -10.96
C HIS A 301 23.12 14.12 -12.29
N GLY A 302 22.68 14.90 -13.27
CA GLY A 302 22.38 14.32 -14.58
C GLY A 302 21.32 13.23 -14.51
N MET A 303 20.32 13.39 -13.65
CA MET A 303 19.26 12.40 -13.64
C MET A 303 18.17 12.75 -14.65
N ARG A 304 17.41 11.74 -15.03
CA ARG A 304 16.16 11.94 -15.74
C ARG A 304 15.05 11.70 -14.73
N ILE A 305 14.11 12.64 -14.65
CA ILE A 305 13.04 12.58 -13.66
C ILE A 305 11.73 12.78 -14.41
N GLU A 306 10.84 11.81 -14.33
CA GLU A 306 9.54 11.84 -14.98
C GLU A 306 8.45 11.83 -13.91
N ALA A 307 7.58 12.84 -13.92
CA ALA A 307 6.46 12.89 -12.98
C ALA A 307 5.15 12.64 -13.72
N PHE A 308 4.40 11.63 -13.26
CA PHE A 308 3.13 11.24 -13.87
C PHE A 308 2.00 11.71 -12.97
N ILE A 309 1.26 12.73 -13.42
CA ILE A 309 0.20 13.31 -12.62
C ILE A 309 -1.10 12.60 -12.98
N ASP A 310 -1.60 11.78 -12.06
CA ASP A 310 -2.72 10.92 -12.35
C ASP A 310 -4.02 11.33 -11.68
N HIS A 311 -4.01 12.32 -10.79
CA HIS A 311 -5.24 12.83 -10.22
C HIS A 311 -4.99 14.23 -9.71
N VAL A 312 -5.93 15.14 -9.98
CA VAL A 312 -5.83 16.53 -9.53
C VAL A 312 -7.09 16.87 -8.74
N LEU A 313 -6.91 17.50 -7.58
CA LEU A 313 -8.04 17.97 -6.79
C LEU A 313 -7.77 19.37 -6.28
N PRO A 314 -8.78 20.24 -6.27
CA PRO A 314 -8.61 21.53 -5.60
C PRO A 314 -8.41 21.30 -4.10
N ALA A 315 -7.58 22.14 -3.49
CA ALA A 315 -7.28 21.93 -2.07
C ALA A 315 -8.54 21.95 -1.22
N SER A 316 -9.54 22.74 -1.62
CA SER A 316 -10.78 22.81 -0.85
C SER A 316 -11.47 21.45 -0.78
N ALA A 317 -11.24 20.58 -1.76
CA ALA A 317 -11.84 19.25 -1.73
C ALA A 317 -11.13 18.30 -0.77
N GLN A 318 -9.96 18.66 -0.25
CA GLN A 318 -9.29 17.83 0.74
C GLN A 318 -9.55 18.28 2.17
N VAL A 319 -10.19 19.44 2.38
CA VAL A 319 -10.29 19.97 3.73
C VAL A 319 -11.14 19.04 4.59
N GLY A 320 -12.25 18.57 4.05
CA GLY A 320 -13.12 17.65 4.75
C GLY A 320 -12.45 16.32 5.06
N PRO A 321 -11.92 15.65 4.02
CA PRO A 321 -11.21 14.38 4.27
C PRO A 321 -10.07 14.51 5.28
N ILE A 322 -9.24 15.55 5.18
CA ILE A 322 -8.13 15.70 6.13
C ILE A 322 -8.67 15.95 7.53
N SER A 323 -9.70 16.81 7.65
CA SER A 323 -10.23 17.14 8.97
C SER A 323 -10.89 15.93 9.62
N ASP A 324 -11.66 15.20 8.82
CA ASP A 324 -12.29 13.97 9.32
C ASP A 324 -11.25 13.00 9.83
N PHE A 325 -10.15 12.84 9.09
CA PHE A 325 -9.11 11.91 9.49
C PHE A 325 -8.46 12.36 10.79
N LEU A 326 -8.13 13.66 10.88
CA LEU A 326 -7.51 14.15 12.12
C LEU A 326 -8.46 13.99 13.30
N ARG A 327 -9.75 14.27 13.09
CA ARG A 327 -10.72 14.15 14.17
C ARG A 327 -10.80 12.71 14.68
N HIS A 328 -10.84 11.75 13.76
CA HIS A 328 -10.98 10.35 14.16
C HIS A 328 -9.68 9.78 14.73
N ALA A 329 -8.53 10.19 14.20
CA ALA A 329 -7.27 9.61 14.66
C ALA A 329 -6.97 10.01 16.10
N ALA A 330 -7.31 11.24 16.47
CA ALA A 330 -7.05 11.75 17.81
C ALA A 330 -8.28 11.73 18.70
N GLY A 331 -9.40 11.18 18.22
CA GLY A 331 -10.61 11.17 19.02
C GLY A 331 -11.07 12.54 19.48
N LEU A 332 -10.96 13.53 18.60
CA LEU A 332 -11.39 14.89 18.88
C LEU A 332 -12.92 15.01 18.78
N PRO A 333 -13.52 15.91 19.53
CA PRO A 333 -14.96 16.12 19.47
C PRO A 333 -15.32 16.92 18.22
N ALA A 334 -16.62 17.07 18.00
CA ALA A 334 -17.14 17.65 16.77
C ALA A 334 -17.27 19.17 16.81
N ASP A 335 -16.92 19.83 17.92
CA ASP A 335 -16.96 21.29 17.97
C ASP A 335 -15.59 21.94 17.74
N THR A 336 -14.57 21.15 17.41
CA THR A 336 -13.24 21.67 17.08
C THR A 336 -13.27 22.24 15.66
N ASP A 337 -12.70 23.43 15.44
CA ASP A 337 -12.69 23.97 14.08
C ASP A 337 -11.42 23.52 13.35
N ILE A 338 -11.39 22.22 13.07
CA ILE A 338 -10.28 21.63 12.34
C ILE A 338 -10.25 22.15 10.90
N ALA A 339 -11.43 22.29 10.28
CA ALA A 339 -11.47 22.70 8.88
C ALA A 339 -10.76 24.03 8.67
N ALA A 340 -10.96 25.00 9.58
CA ALA A 340 -10.25 26.28 9.43
C ALA A 340 -8.75 26.11 9.60
N ASP A 341 -8.31 25.25 10.53
CA ASP A 341 -6.88 25.01 10.71
C ASP A 341 -6.26 24.43 9.45
N VAL A 342 -6.95 23.47 8.82
CA VAL A 342 -6.45 22.87 7.58
C VAL A 342 -6.39 23.91 6.46
N GLN A 343 -7.48 24.65 6.26
CA GLN A 343 -7.50 25.71 5.24
C GLN A 343 -6.34 26.68 5.42
N ALA A 344 -6.15 27.19 6.63
CA ALA A 344 -5.11 28.19 6.84
C ALA A 344 -3.75 27.60 6.53
N PHE A 345 -3.56 26.34 6.90
CA PHE A 345 -2.28 25.67 6.68
C PHE A 345 -2.03 25.45 5.20
N GLN A 346 -3.07 25.05 4.46
CA GLN A 346 -2.97 24.93 3.01
C GLN A 346 -2.61 26.26 2.38
N ARG A 347 -3.27 27.33 2.81
CA ARG A 347 -3.05 28.63 2.19
C ARG A 347 -1.67 29.19 2.57
N GLU A 348 -1.34 29.19 3.85
CA GLU A 348 -0.21 29.99 4.31
C GLU A 348 1.12 29.23 4.26
N THR A 349 1.11 27.93 4.56
CA THR A 349 2.34 27.15 4.63
C THR A 349 2.56 26.30 3.38
N LEU A 350 1.50 25.63 2.91
CA LEU A 350 1.60 24.76 1.76
C LEU A 350 1.52 25.53 0.45
N ARG A 351 0.90 26.71 0.45
CA ARG A 351 0.55 27.41 -0.79
C ARG A 351 -0.16 26.49 -1.77
N ALA A 352 -1.08 25.68 -1.25
CA ALA A 352 -1.70 24.61 -2.03
C ALA A 352 -3.03 25.10 -2.61
N ASP A 353 -3.03 25.46 -3.89
CA ASP A 353 -4.28 25.60 -4.63
C ASP A 353 -4.84 24.25 -5.04
N TYR A 354 -3.96 23.28 -5.31
CA TYR A 354 -4.37 21.97 -5.77
C TYR A 354 -3.49 20.91 -5.14
N TYR A 355 -3.96 19.66 -5.19
CA TYR A 355 -3.18 18.49 -4.84
C TYR A 355 -3.04 17.61 -6.07
N TYR A 356 -1.81 17.20 -6.35
CA TYR A 356 -1.48 16.40 -7.52
C TYR A 356 -1.00 15.03 -7.08
N LEU A 357 -1.80 14.00 -7.33
CA LEU A 357 -1.35 12.65 -7.02
C LEU A 357 -0.36 12.25 -8.12
N THR A 358 0.92 12.11 -7.73
CA THR A 358 2.04 12.08 -8.67
C THR A 358 2.91 10.86 -8.41
N THR A 359 3.12 10.05 -9.44
CA THR A 359 4.19 9.05 -9.41
C THR A 359 5.43 9.66 -10.05
N ILE A 360 6.60 9.41 -9.46
CA ILE A 360 7.87 9.95 -9.96
C ILE A 360 8.84 8.82 -10.20
N ARG A 361 9.36 8.73 -11.43
CA ARG A 361 10.45 7.82 -11.77
C ARG A 361 11.74 8.63 -11.85
N LEU A 362 12.75 8.22 -11.11
CA LEU A 362 14.03 8.93 -11.11
C LEU A 362 15.12 7.97 -11.55
N GLN A 363 15.91 8.35 -12.55
CA GLN A 363 17.01 7.51 -13.00
C GLN A 363 18.35 8.22 -12.90
N THR A 364 19.34 7.52 -12.37
CA THR A 364 20.69 8.03 -12.29
C THR A 364 21.45 7.74 -13.57
N ALA A 365 22.49 8.55 -13.80
CA ALA A 365 23.36 8.42 -14.97
C ALA A 365 22.56 8.32 -16.27
N ALA A 366 21.59 9.22 -16.42
CA ALA A 366 20.69 9.13 -17.56
C ALA A 366 21.37 9.56 -18.86
N GLN A 367 21.10 8.83 -19.94
CA GLN A 367 21.57 9.29 -21.23
C GLN A 367 20.74 10.45 -21.77
N ASN A 368 19.47 10.59 -21.35
CA ASN A 368 18.65 11.75 -21.69
C ASN A 368 18.19 12.42 -20.39
N PRO A 369 19.10 13.10 -19.69
CA PRO A 369 18.71 13.77 -18.44
C PRO A 369 17.68 14.86 -18.71
N GLY A 370 16.94 15.20 -17.67
CA GLY A 370 15.94 16.25 -17.75
C GLY A 370 14.76 15.91 -16.88
N LEU A 371 13.91 16.92 -16.66
CA LEU A 371 12.68 16.76 -15.91
C LEU A 371 11.52 16.78 -16.89
N ARG A 372 10.62 15.81 -16.76
CA ARG A 372 9.44 15.72 -17.61
C ARG A 372 8.20 15.57 -16.74
N MET A 373 7.20 16.42 -16.95
CA MET A 373 5.94 16.38 -16.22
C MET A 373 4.82 16.01 -17.18
N LEU A 374 4.19 14.86 -16.96
CA LEU A 374 3.08 14.40 -17.78
C LEU A 374 1.76 14.73 -17.08
N ARG A 375 0.97 15.60 -17.72
CA ARG A 375 -0.36 15.99 -17.26
C ARG A 375 -1.35 15.78 -18.40
N ARG A 376 -2.62 15.57 -18.05
CA ARG A 376 -3.65 15.42 -19.08
C ARG A 376 -4.40 16.73 -19.34
N SAH B . 4.24 1.25 0.97
CA SAH B . 2.93 0.78 1.40
CB SAH B . 2.57 1.38 2.75
CG SAH B . 2.89 2.86 2.84
SD SAH B . 2.12 3.59 4.30
C SAH B . 1.87 1.12 0.35
O SAH B . 0.74 0.62 0.42
OXT SAH B . 2.13 1.89 -0.58
C5' SAH B . 3.71 4.19 4.94
C4' SAH B . 4.48 3.17 5.79
O4' SAH B . 5.68 3.76 6.26
C3' SAH B . 3.77 2.69 7.05
O3' SAH B . 3.71 1.27 7.03
C2' SAH B . 4.64 3.14 8.22
O2' SAH B . 4.78 2.19 9.25
C1' SAH B . 5.99 3.28 7.57
N9 SAH B . 6.92 4.26 8.14
C8 SAH B . 6.63 5.48 8.71
N7 SAH B . 7.81 6.08 9.03
C5 SAH B . 8.84 5.28 8.64
C6 SAH B . 10.23 5.40 8.70
N6 SAH B . 10.84 6.48 9.22
N1 SAH B . 10.99 4.36 8.20
C2 SAH B . 10.42 3.24 7.64
N3 SAH B . 9.05 3.14 7.59
C4 SAH B . 8.28 4.15 8.07
CA CA C . -17.91 -5.71 -10.06
C1 PGE D . -20.09 -7.86 -9.19
O1 PGE D . -19.49 -8.94 -9.90
C2 PGE D . -19.44 -7.67 -7.84
O2 PGE D . -19.14 -6.29 -7.62
C3 PGE D . -17.95 -6.06 -6.89
C4 PGE D . -17.47 -4.62 -6.94
O4 PGE D . -16.29 -3.21 -10.69
C6 PGE D . -15.37 -3.14 -9.60
C5 PGE D . -16.12 -3.18 -8.27
O3 PGE D . -16.41 -4.52 -7.90
#